data_4IFF
#
_entry.id   4IFF
#
_cell.length_a   87.577
_cell.length_b   87.577
_cell.length_c   185.110
_cell.angle_alpha   90.00
_cell.angle_beta   90.00
_cell.angle_gamma   120.00
#
_symmetry.space_group_name_H-M   'P 61'
#
loop_
_entity.id
_entity.type
_entity.pdbx_description
1 polymer 'Fusion of phage phi29 Gp7 protein and Cell division protein FtsB'
2 non-polymer GLYCEROL
3 water water
#
_entity_poly.entity_id   1
_entity_poly.type   'polypeptide(L)'
_entity_poly.pdbx_seq_one_letter_code
;GSGPLKPEEHEDILNKLLDPELAQSERTEALQQLRVNYGSFVSEYNDLTKDYTRVNDDVAAQQATNAKLKARNDQLFAEI
DDLNGG
;
_entity_poly.pdbx_strand_id   A,B,C,D
#
loop_
_chem_comp.id
_chem_comp.type
_chem_comp.name
_chem_comp.formula
GOL non-polymer GLYCEROL 'C3 H8 O3'
#
# COMPACT_ATOMS: atom_id res chain seq x y z
N GLY A 3 13.57 -6.01 -2.91
CA GLY A 3 12.57 -6.01 -4.02
C GLY A 3 11.69 -7.25 -3.99
N PRO A 4 10.41 -7.11 -4.41
CA PRO A 4 9.48 -8.23 -4.46
C PRO A 4 9.91 -9.33 -5.46
N LEU A 5 9.45 -10.56 -5.21
CA LEU A 5 9.71 -11.68 -6.12
C LEU A 5 9.22 -11.38 -7.53
N LYS A 6 10.01 -11.81 -8.51
CA LYS A 6 9.62 -11.76 -9.90
C LYS A 6 8.48 -12.75 -10.10
N PRO A 7 7.68 -12.57 -11.16
CA PRO A 7 6.52 -13.43 -11.29
C PRO A 7 6.89 -14.90 -11.39
N GLU A 8 8.03 -15.19 -12.01
CA GLU A 8 8.44 -16.58 -12.17
C GLU A 8 8.98 -17.19 -10.88
N GLU A 9 9.56 -16.37 -10.02
CA GLU A 9 9.97 -16.84 -8.70
C GLU A 9 8.77 -17.11 -7.81
N HIS A 10 7.72 -16.30 -7.96
CA HIS A 10 6.52 -16.46 -7.14
C HIS A 10 5.82 -17.75 -7.58
N GLU A 11 5.66 -17.91 -8.90
CA GLU A 11 5.09 -19.10 -9.48
C GLU A 11 5.78 -20.38 -9.02
N ASP A 12 7.11 -20.34 -8.96
CA ASP A 12 7.92 -21.45 -8.50
C ASP A 12 7.54 -21.87 -7.08
N ILE A 13 7.34 -20.90 -6.19
CA ILE A 13 6.91 -21.21 -4.82
C ILE A 13 5.54 -21.86 -4.82
N LEU A 14 4.64 -21.35 -5.66
CA LEU A 14 3.30 -21.94 -5.78
C LEU A 14 3.37 -23.36 -6.32
N ASN A 15 4.36 -23.62 -7.19
CA ASN A 15 4.59 -24.97 -7.73
C ASN A 15 4.99 -25.93 -6.62
N LYS A 16 5.97 -25.55 -5.80
CA LYS A 16 6.35 -26.35 -4.64
C LYS A 16 5.15 -26.68 -3.74
N LEU A 17 4.30 -25.69 -3.48
CA LEU A 17 3.19 -25.85 -2.53
C LEU A 17 2.02 -26.68 -3.06
N LEU A 18 2.05 -26.98 -4.36
CA LEU A 18 1.01 -27.79 -4.99
C LEU A 18 1.12 -29.25 -4.55
N ASP A 19 2.35 -29.67 -4.28
CA ASP A 19 2.67 -31.03 -3.88
C ASP A 19 2.32 -31.24 -2.40
N PRO A 20 1.30 -32.07 -2.13
CA PRO A 20 0.87 -32.32 -0.74
C PRO A 20 1.90 -33.12 0.06
N GLU A 21 2.85 -33.73 -0.65
CA GLU A 21 3.89 -34.57 -0.05
C GLU A 21 5.10 -33.75 0.43
N LEU A 22 5.07 -32.45 0.16
CA LEU A 22 6.19 -31.56 0.45
C LEU A 22 6.54 -31.53 1.94
N ALA A 23 7.84 -31.60 2.23
CA ALA A 23 8.36 -31.54 3.59
C ALA A 23 7.85 -30.28 4.31
N GLN A 24 7.26 -30.48 5.49
CA GLN A 24 6.71 -29.38 6.30
C GLN A 24 7.72 -28.26 6.56
N SER A 25 9.00 -28.63 6.68
CA SER A 25 10.09 -27.68 6.82
C SER A 25 10.22 -26.74 5.62
N GLU A 26 9.95 -27.27 4.43
CA GLU A 26 10.02 -26.48 3.20
C GLU A 26 8.71 -25.74 2.91
N ARG A 27 7.61 -26.29 3.41
CA ARG A 27 6.30 -25.69 3.27
C ARG A 27 6.21 -24.35 4.03
N THR A 28 6.67 -24.36 5.29
CA THR A 28 6.62 -23.18 6.12
C THR A 28 7.63 -22.15 5.62
N GLU A 29 8.75 -22.63 5.08
CA GLU A 29 9.76 -21.75 4.49
C GLU A 29 9.19 -21.04 3.26
N ALA A 30 8.37 -21.76 2.49
CA ALA A 30 7.73 -21.25 1.29
C ALA A 30 6.60 -20.27 1.61
N LEU A 31 5.79 -20.59 2.61
CA LEU A 31 4.70 -19.70 3.01
C LEU A 31 5.25 -18.40 3.61
N GLN A 32 6.35 -18.51 4.37
CA GLN A 32 7.12 -17.38 4.83
C GLN A 32 7.56 -16.43 3.71
N GLN A 33 8.15 -16.99 2.65
CA GLN A 33 8.59 -16.20 1.52
C GLN A 33 7.42 -15.45 0.91
N LEU A 34 6.26 -16.09 0.81
CA LEU A 34 5.08 -15.41 0.30
C LEU A 34 4.58 -14.27 1.20
N ARG A 35 4.56 -14.52 2.51
CA ARG A 35 4.08 -13.55 3.51
C ARG A 35 4.91 -12.27 3.49
N VAL A 36 6.19 -12.44 3.73
CA VAL A 36 7.21 -11.41 3.63
C VAL A 36 7.20 -10.69 2.27
N ASN A 37 7.03 -11.45 1.19
CA ASN A 37 7.02 -10.83 -0.12
C ASN A 37 5.80 -9.94 -0.28
N TYR A 38 4.66 -10.38 0.24
CA TYR A 38 3.46 -9.58 0.16
C TYR A 38 3.65 -8.21 0.84
N GLY A 39 4.30 -8.20 2.00
CA GLY A 39 4.56 -6.97 2.73
C GLY A 39 5.53 -6.05 2.00
N SER A 40 6.53 -6.64 1.35
CA SER A 40 7.52 -5.93 0.56
C SER A 40 6.87 -5.22 -0.64
N PHE A 41 5.90 -5.87 -1.24
CA PHE A 41 5.21 -5.37 -2.40
C PHE A 41 4.30 -4.19 -2.01
N VAL A 42 3.56 -4.34 -0.91
CA VAL A 42 2.77 -3.25 -0.37
C VAL A 42 3.66 -2.05 -0.11
N SER A 43 4.83 -2.30 0.44
CA SER A 43 5.76 -1.23 0.74
C SER A 43 6.32 -0.55 -0.52
N GLU A 44 6.69 -1.35 -1.52
CA GLU A 44 7.13 -0.79 -2.81
C GLU A 44 6.06 0.08 -3.42
N TYR A 45 4.82 -0.39 -3.33
CA TYR A 45 3.71 0.35 -3.88
C TYR A 45 3.53 1.63 -3.08
N ASN A 46 3.79 1.57 -1.77
CA ASN A 46 3.72 2.75 -0.94
C ASN A 46 4.81 3.76 -1.28
N ASP A 47 6.01 3.26 -1.56
CA ASP A 47 7.14 4.11 -1.94
C ASP A 47 6.79 4.90 -3.19
N LEU A 48 6.20 4.21 -4.17
CA LEU A 48 5.82 4.85 -5.42
C LEU A 48 4.66 5.83 -5.22
N THR A 49 3.64 5.44 -4.45
CA THR A 49 2.56 6.36 -4.07
C THR A 49 3.07 7.65 -3.41
N LYS A 50 4.04 7.53 -2.52
CA LYS A 50 4.60 8.68 -1.84
C LYS A 50 5.25 9.65 -2.84
N ASP A 51 6.06 9.13 -3.76
CA ASP A 51 6.74 10.03 -4.68
C ASP A 51 5.81 10.61 -5.73
N TYR A 52 4.77 9.84 -6.06
CA TYR A 52 3.71 10.29 -6.95
C TYR A 52 2.93 11.46 -6.36
N THR A 53 2.70 11.40 -5.05
CA THR A 53 2.02 12.45 -4.31
C THR A 53 2.86 13.72 -4.38
N ARG A 54 4.16 13.57 -4.12
CA ARG A 54 5.08 14.69 -4.13
C ARG A 54 5.10 15.38 -5.50
N VAL A 55 5.16 14.57 -6.55
CA VAL A 55 5.25 15.10 -7.88
C VAL A 55 3.95 15.78 -8.32
N ASN A 56 2.81 15.27 -7.87
CA ASN A 56 1.56 15.93 -8.21
C ASN A 56 1.43 17.30 -7.54
N ASP A 57 2.08 17.46 -6.39
CA ASP A 57 2.20 18.76 -5.74
C ASP A 57 3.21 19.68 -6.45
N ASP A 58 4.16 19.08 -7.17
CA ASP A 58 5.10 19.87 -7.97
C ASP A 58 4.46 20.36 -9.24
N VAL A 59 3.61 19.54 -9.84
CA VAL A 59 2.79 19.96 -10.97
C VAL A 59 1.99 21.22 -10.59
N ALA A 60 1.16 21.14 -9.54
CA ALA A 60 0.34 22.26 -9.10
C ALA A 60 1.19 23.52 -8.87
N ALA A 61 2.32 23.36 -8.18
CA ALA A 61 3.26 24.46 -7.93
C ALA A 61 3.96 24.98 -9.19
N GLN A 62 3.98 24.18 -10.25
CA GLN A 62 4.58 24.61 -11.51
C GLN A 62 3.55 25.43 -12.30
N GLN A 63 2.28 25.04 -12.19
CA GLN A 63 1.18 25.76 -12.83
C GLN A 63 1.06 27.16 -12.25
N ALA A 64 1.30 27.26 -10.94
CA ALA A 64 1.15 28.50 -10.19
C ALA A 64 2.28 29.47 -10.53
N THR A 65 3.49 28.93 -10.64
CA THR A 65 4.66 29.70 -11.05
C THR A 65 4.48 30.19 -12.49
N ASN A 66 3.91 29.33 -13.34
CA ASN A 66 3.58 29.69 -14.72
C ASN A 66 2.64 30.89 -14.81
N ALA A 67 1.55 30.84 -14.05
CA ALA A 67 0.56 31.91 -14.06
C ALA A 67 1.14 33.19 -13.44
N LYS A 68 2.08 33.02 -12.52
CA LYS A 68 2.79 34.09 -11.83
C LYS A 68 3.81 34.78 -12.75
N LEU A 69 4.21 34.07 -13.81
CA LEU A 69 5.11 34.62 -14.83
C LEU A 69 4.34 35.18 -16.01
N LYS A 70 3.22 34.54 -16.32
CA LYS A 70 2.39 34.95 -17.44
C LYS A 70 1.67 36.25 -17.08
N ALA A 71 1.45 36.48 -15.79
CA ALA A 71 0.86 37.73 -15.31
C ALA A 71 1.87 38.87 -15.37
N ARG A 72 3.09 38.62 -14.89
CA ARG A 72 4.18 39.61 -14.96
C ARG A 72 4.60 39.88 -16.40
N ASN A 73 4.37 38.89 -17.28
CA ASN A 73 4.59 39.05 -18.71
C ASN A 73 3.54 39.97 -19.34
N ASP A 74 2.34 39.98 -18.77
CA ASP A 74 1.27 40.85 -19.24
C ASP A 74 1.47 42.30 -18.84
N GLN A 75 1.87 42.52 -17.58
CA GLN A 75 2.05 43.86 -17.03
C GLN A 75 3.28 44.57 -17.58
N LEU A 76 4.24 43.79 -18.07
CA LEU A 76 5.42 44.36 -18.71
C LEU A 76 5.15 44.67 -20.19
N PHE A 77 4.35 43.83 -20.84
CA PHE A 77 3.94 44.05 -22.23
C PHE A 77 2.97 45.24 -22.36
N ALA A 78 2.22 45.51 -21.29
CA ALA A 78 1.25 46.60 -21.28
C ALA A 78 1.89 47.98 -21.08
N GLU A 79 2.95 48.05 -20.27
CA GLU A 79 3.67 49.31 -20.08
C GLU A 79 4.79 49.52 -21.12
N ILE A 80 4.77 48.68 -22.16
CA ILE A 80 5.53 48.89 -23.38
C ILE A 80 4.65 49.67 -24.38
N ASP A 81 3.35 49.72 -24.10
CA ASP A 81 2.42 50.55 -24.86
C ASP A 81 2.34 51.97 -24.29
N ASP A 82 2.46 52.09 -22.96
CA ASP A 82 2.44 53.39 -22.28
C ASP A 82 3.59 54.29 -22.75
N LEU A 83 4.76 53.70 -22.96
CA LEU A 83 5.93 54.42 -23.44
C LEU A 83 5.99 54.40 -24.96
N GLY B 3 -9.62 -4.89 -6.60
CA GLY B 3 -8.16 -5.06 -6.88
C GLY B 3 -7.51 -6.18 -6.07
N PRO B 4 -6.20 -6.06 -5.79
CA PRO B 4 -5.44 -7.11 -5.09
C PRO B 4 -5.95 -7.40 -3.67
N LEU B 5 -5.70 -8.60 -3.18
CA LEU B 5 -6.07 -9.02 -1.83
C LEU B 5 -5.46 -8.13 -0.76
N LYS B 6 -6.26 -7.86 0.27
CA LYS B 6 -5.75 -7.15 1.44
C LYS B 6 -4.83 -8.09 2.20
N PRO B 7 -3.93 -7.53 3.03
CA PRO B 7 -2.92 -8.37 3.61
C PRO B 7 -3.52 -9.45 4.51
N GLU B 8 -4.71 -9.20 5.04
CA GLU B 8 -5.34 -10.18 5.91
C GLU B 8 -6.02 -11.26 5.08
N GLU B 9 -6.50 -10.90 3.90
CA GLU B 9 -7.05 -11.89 2.97
C GLU B 9 -5.96 -12.83 2.43
N HIS B 10 -4.78 -12.27 2.18
CA HIS B 10 -3.62 -13.05 1.71
C HIS B 10 -3.12 -13.96 2.80
N GLU B 11 -3.06 -13.45 4.02
CA GLU B 11 -2.61 -14.27 5.14
C GLU B 11 -3.56 -15.44 5.39
N ASP B 12 -4.85 -15.20 5.21
CA ASP B 12 -5.85 -16.24 5.32
C ASP B 12 -5.55 -17.42 4.40
N ILE B 13 -5.25 -17.14 3.12
CA ILE B 13 -4.92 -18.19 2.16
C ILE B 13 -3.68 -18.93 2.60
N LEU B 14 -2.68 -18.20 3.08
CA LEU B 14 -1.45 -18.84 3.53
C LEU B 14 -1.69 -19.74 4.73
N ASN B 15 -2.77 -19.46 5.43
CA ASN B 15 -3.14 -20.24 6.60
C ASN B 15 -3.76 -21.56 6.18
N LYS B 16 -4.75 -21.50 5.28
CA LYS B 16 -5.31 -22.71 4.67
C LYS B 16 -4.22 -23.67 4.15
N LEU B 17 -3.20 -23.12 3.50
CA LEU B 17 -2.15 -23.91 2.85
C LEU B 17 -1.15 -24.54 3.80
N LEU B 18 -1.21 -24.15 5.08
CA LEU B 18 -0.29 -24.67 6.09
C LEU B 18 -0.61 -26.13 6.44
N ASP B 19 -1.91 -26.43 6.38
CA ASP B 19 -2.42 -27.75 6.71
C ASP B 19 -2.34 -28.70 5.51
N PRO B 20 -1.57 -29.80 5.65
CA PRO B 20 -1.49 -30.81 4.59
C PRO B 20 -2.80 -31.56 4.36
N GLU B 21 -3.64 -31.64 5.40
CA GLU B 21 -4.93 -32.34 5.35
C GLU B 21 -5.98 -31.67 4.46
N LEU B 22 -5.59 -30.60 3.76
CA LEU B 22 -6.51 -29.80 2.96
C LEU B 22 -6.86 -30.50 1.65
N ALA B 23 -8.13 -30.44 1.26
CA ALA B 23 -8.61 -31.04 0.02
C ALA B 23 -7.87 -30.48 -1.20
N GLN B 24 -7.56 -31.36 -2.15
CA GLN B 24 -6.81 -30.97 -3.36
C GLN B 24 -7.50 -29.92 -4.21
N SER B 25 -8.82 -30.01 -4.36
CA SER B 25 -9.58 -29.01 -5.09
C SER B 25 -9.46 -27.62 -4.43
N GLU B 26 -9.16 -27.62 -3.14
CA GLU B 26 -9.05 -26.39 -2.35
C GLU B 26 -7.62 -25.88 -2.27
N ARG B 27 -6.65 -26.79 -2.34
CA ARG B 27 -5.25 -26.41 -2.43
C ARG B 27 -4.97 -25.69 -3.74
N THR B 28 -5.39 -26.31 -4.86
CA THR B 28 -5.18 -25.71 -6.18
C THR B 28 -5.96 -24.40 -6.32
N GLU B 29 -7.13 -24.32 -5.68
CA GLU B 29 -7.97 -23.13 -5.72
C GLU B 29 -7.34 -21.96 -4.96
N ALA B 30 -6.66 -22.28 -3.87
CA ALA B 30 -5.99 -21.29 -3.06
C ALA B 30 -4.71 -20.81 -3.75
N LEU B 31 -4.01 -21.72 -4.42
CA LEU B 31 -2.83 -21.36 -5.18
C LEU B 31 -3.20 -20.47 -6.35
N GLN B 32 -4.31 -20.77 -7.00
CA GLN B 32 -4.78 -19.95 -8.12
C GLN B 32 -5.16 -18.52 -7.71
N GLN B 33 -5.66 -18.38 -6.48
CA GLN B 33 -5.98 -17.07 -5.93
C GLN B 33 -4.69 -16.29 -5.72
N LEU B 34 -3.68 -16.93 -5.18
CA LEU B 34 -2.37 -16.30 -5.07
C LEU B 34 -1.78 -15.93 -6.45
N ARG B 35 -1.84 -16.86 -7.41
CA ARG B 35 -1.32 -16.67 -8.78
C ARG B 35 -1.94 -15.44 -9.43
N VAL B 36 -3.26 -15.44 -9.53
CA VAL B 36 -4.01 -14.36 -10.12
C VAL B 36 -3.81 -13.05 -9.34
N ASN B 37 -3.74 -13.14 -8.02
CA ASN B 37 -3.51 -11.94 -7.22
C ASN B 37 -2.14 -11.30 -7.50
N TYR B 38 -1.09 -12.12 -7.61
CA TYR B 38 0.23 -11.60 -7.92
C TYR B 38 0.22 -10.81 -9.24
N GLY B 39 -0.49 -11.32 -10.24
CA GLY B 39 -0.57 -10.69 -11.55
C GLY B 39 -1.29 -9.36 -11.43
N SER B 40 -2.38 -9.37 -10.67
CA SER B 40 -3.16 -8.17 -10.40
C SER B 40 -2.33 -7.07 -9.73
N PHE B 41 -1.48 -7.47 -8.79
CA PHE B 41 -0.65 -6.53 -8.05
C PHE B 41 0.41 -5.89 -8.98
N VAL B 42 1.06 -6.70 -9.81
CA VAL B 42 2.03 -6.22 -10.80
C VAL B 42 1.37 -5.19 -11.73
N SER B 43 0.17 -5.50 -12.20
CA SER B 43 -0.60 -4.62 -13.09
C SER B 43 -0.97 -3.30 -12.44
N GLU B 44 -1.39 -3.36 -11.17
CA GLU B 44 -1.75 -2.15 -10.43
C GLU B 44 -0.51 -1.29 -10.23
N TYR B 45 0.62 -1.92 -9.98
CA TYR B 45 1.88 -1.19 -9.86
C TYR B 45 2.26 -0.58 -11.22
N ASN B 46 1.93 -1.27 -12.32
CA ASN B 46 2.14 -0.73 -13.68
C ASN B 46 1.25 0.49 -13.94
N ASP B 47 -0.01 0.41 -13.54
CA ASP B 47 -0.96 1.50 -13.69
C ASP B 47 -0.44 2.74 -13.03
N LEU B 48 0.02 2.62 -11.79
CA LEU B 48 0.59 3.77 -11.08
C LEU B 48 1.90 4.26 -11.73
N THR B 49 2.75 3.33 -12.18
CA THR B 49 3.99 3.69 -12.84
C THR B 49 3.73 4.54 -14.11
N LYS B 50 2.74 4.12 -14.88
CA LYS B 50 2.33 4.81 -16.09
C LYS B 50 1.93 6.25 -15.77
N ASP B 51 1.08 6.44 -14.76
CA ASP B 51 0.66 7.79 -14.46
C ASP B 51 1.75 8.63 -13.81
N TYR B 52 2.66 7.96 -13.12
CA TYR B 52 3.81 8.64 -12.53
C TYR B 52 4.72 9.18 -13.63
N THR B 53 4.86 8.38 -14.69
CA THR B 53 5.68 8.71 -15.84
C THR B 53 5.06 9.94 -16.53
N ARG B 54 3.76 9.91 -16.78
CA ARG B 54 3.05 11.03 -17.41
C ARG B 54 3.24 12.32 -16.62
N VAL B 55 3.09 12.25 -15.31
CA VAL B 55 3.16 13.41 -14.45
C VAL B 55 4.57 13.97 -14.31
N ASN B 56 5.59 13.12 -14.30
CA ASN B 56 6.97 13.61 -14.23
C ASN B 56 7.38 14.28 -15.54
N ASP B 57 6.68 13.93 -16.61
CA ASP B 57 6.90 14.52 -17.90
C ASP B 57 6.23 15.89 -17.96
N ASP B 58 5.04 15.99 -17.37
CA ASP B 58 4.36 17.29 -17.22
C ASP B 58 5.21 18.26 -16.43
N VAL B 59 5.69 17.85 -15.26
CA VAL B 59 6.61 18.68 -14.50
C VAL B 59 7.76 19.18 -15.41
N ALA B 60 8.48 18.26 -16.06
CA ALA B 60 9.66 18.62 -16.84
C ALA B 60 9.35 19.61 -17.97
N ALA B 61 8.27 19.33 -18.72
CA ALA B 61 7.81 20.17 -19.80
C ALA B 61 7.37 21.55 -19.31
N GLN B 62 6.77 21.60 -18.12
CA GLN B 62 6.32 22.85 -17.54
C GLN B 62 7.49 23.66 -16.99
N GLN B 63 8.52 22.98 -16.49
CA GLN B 63 9.74 23.63 -16.02
C GLN B 63 10.46 24.35 -17.16
N ALA B 64 10.43 23.73 -18.35
CA ALA B 64 11.05 24.29 -19.55
C ALA B 64 10.24 25.47 -20.06
N THR B 65 8.91 25.31 -20.07
CA THR B 65 7.99 26.37 -20.47
C THR B 65 8.11 27.60 -19.55
N ASN B 66 8.27 27.36 -18.25
CA ASN B 66 8.50 28.44 -17.29
C ASN B 66 9.89 29.05 -17.37
N ALA B 67 10.86 28.29 -17.86
CA ALA B 67 12.21 28.81 -18.08
C ALA B 67 12.17 29.82 -19.23
N LYS B 68 11.43 29.47 -20.29
CA LYS B 68 11.27 30.33 -21.47
C LYS B 68 10.60 31.66 -21.11
N LEU B 69 9.56 31.59 -20.29
CA LEU B 69 8.87 32.80 -19.85
C LEU B 69 9.68 33.65 -18.88
N LYS B 70 10.51 33.02 -18.05
CA LYS B 70 11.42 33.77 -17.18
C LYS B 70 12.48 34.51 -18.00
N ALA B 71 12.88 33.91 -19.12
CA ALA B 71 13.83 34.53 -20.05
C ALA B 71 13.22 35.79 -20.69
N ARG B 72 12.01 35.66 -21.22
CA ARG B 72 11.31 36.76 -21.87
C ARG B 72 10.91 37.87 -20.88
N ASN B 73 10.81 37.52 -19.61
CA ASN B 73 10.55 38.51 -18.57
C ASN B 73 11.80 39.32 -18.20
N ASP B 74 12.96 38.68 -18.29
CA ASP B 74 14.23 39.37 -18.08
C ASP B 74 14.60 40.24 -19.28
N GLN B 75 14.19 39.77 -20.48
CA GLN B 75 14.36 40.49 -21.73
C GLN B 75 13.54 41.79 -21.76
N LEU B 76 12.30 41.70 -21.27
CA LEU B 76 11.41 42.86 -21.19
C LEU B 76 11.70 43.75 -19.98
N PHE B 77 12.48 43.24 -19.03
CA PHE B 77 12.94 44.03 -17.89
C PHE B 77 14.16 44.87 -18.28
N ALA B 78 14.92 44.40 -19.26
CA ALA B 78 16.06 45.14 -19.79
C ALA B 78 15.62 46.15 -20.85
N GLU B 79 14.54 45.81 -21.56
CA GLU B 79 13.96 46.67 -22.60
C GLU B 79 13.09 47.78 -22.00
N ILE B 80 13.27 48.04 -20.70
CA ILE B 80 12.50 49.05 -20.01
C ILE B 80 13.36 50.27 -19.65
N ASP B 81 14.67 50.03 -19.48
CA ASP B 81 15.63 51.09 -19.22
C ASP B 81 15.91 51.90 -20.50
N ASP B 82 15.83 51.21 -21.64
CA ASP B 82 16.08 51.80 -22.96
C ASP B 82 14.98 52.78 -23.37
N LEU B 83 13.73 52.34 -23.24
CA LEU B 83 12.57 53.12 -23.64
C LEU B 83 11.88 53.74 -22.43
N GLY C 3 -0.26 12.70 10.18
CA GLY C 3 -1.46 11.85 10.42
C GLY C 3 -2.64 12.21 9.54
N PRO C 4 -3.40 11.21 9.05
CA PRO C 4 -4.51 11.45 8.12
C PRO C 4 -5.66 12.24 8.74
N LEU C 5 -6.34 13.03 7.92
CA LEU C 5 -7.54 13.78 8.32
C LEU C 5 -8.56 12.89 8.98
N LYS C 6 -9.15 13.38 10.06
CA LYS C 6 -10.30 12.72 10.67
C LYS C 6 -11.47 12.92 9.72
N PRO C 7 -12.50 12.06 9.80
CA PRO C 7 -13.56 12.09 8.82
C PRO C 7 -14.31 13.43 8.74
N GLU C 8 -14.36 14.16 9.84
CA GLU C 8 -15.05 15.45 9.84
C GLU C 8 -14.17 16.55 9.26
N GLU C 9 -12.85 16.35 9.31
CA GLU C 9 -11.93 17.30 8.69
C GLU C 9 -11.91 17.13 7.18
N HIS C 10 -12.05 15.88 6.72
CA HIS C 10 -12.11 15.59 5.30
C HIS C 10 -13.42 16.13 4.73
N GLU C 11 -14.51 15.85 5.42
CA GLU C 11 -15.81 16.32 4.98
C GLU C 11 -15.86 17.85 4.89
N ASP C 12 -15.28 18.52 5.86
CA ASP C 12 -15.19 19.97 5.84
C ASP C 12 -14.50 20.50 4.57
N ILE C 13 -13.44 19.82 4.14
CA ILE C 13 -12.77 20.19 2.88
C ILE C 13 -13.70 19.94 1.70
N LEU C 14 -14.43 18.83 1.74
CA LEU C 14 -15.38 18.53 0.68
C LEU C 14 -16.50 19.57 0.62
N ASN C 15 -16.71 20.28 1.73
CA ASN C 15 -17.74 21.30 1.79
C ASN C 15 -17.26 22.64 1.25
N LYS C 16 -16.05 23.03 1.60
CA LYS C 16 -15.43 24.21 0.97
C LYS C 16 -15.49 24.09 -0.56
N LEU C 17 -15.15 22.91 -1.09
CA LEU C 17 -15.06 22.69 -2.53
C LEU C 17 -16.41 22.67 -3.24
N LEU C 18 -17.48 22.67 -2.45
CA LEU C 18 -18.84 22.61 -2.99
C LEU C 18 -19.24 23.96 -3.59
N ASP C 19 -18.70 25.03 -3.01
CA ASP C 19 -18.90 26.39 -3.51
C ASP C 19 -18.05 26.64 -4.77
N PRO C 20 -18.71 26.79 -5.94
CA PRO C 20 -17.99 27.07 -7.18
C PRO C 20 -17.32 28.46 -7.22
N GLU C 21 -17.64 29.30 -6.24
CA GLU C 21 -17.14 30.68 -6.16
C GLU C 21 -15.95 30.86 -5.20
N LEU C 22 -15.53 29.75 -4.60
CA LEU C 22 -14.38 29.73 -3.69
C LEU C 22 -13.12 30.29 -4.37
N ALA C 23 -12.30 31.01 -3.60
CA ALA C 23 -11.06 31.56 -4.14
C ALA C 23 -10.12 30.43 -4.60
N GLN C 24 -9.48 30.63 -5.74
CA GLN C 24 -8.66 29.59 -6.36
C GLN C 24 -7.49 29.16 -5.48
N SER C 25 -6.90 30.11 -4.74
CA SER C 25 -5.83 29.78 -3.80
C SER C 25 -6.32 28.83 -2.70
N GLU C 26 -7.59 28.92 -2.36
CA GLU C 26 -8.19 28.08 -1.33
C GLU C 26 -8.61 26.75 -1.92
N ARG C 27 -9.07 26.75 -3.17
CA ARG C 27 -9.39 25.53 -3.87
C ARG C 27 -8.16 24.64 -4.06
N THR C 28 -7.05 25.23 -4.49
CA THR C 28 -5.83 24.46 -4.74
C THR C 28 -5.17 24.03 -3.46
N GLU C 29 -5.32 24.84 -2.40
CA GLU C 29 -4.82 24.45 -1.09
C GLU C 29 -5.62 23.25 -0.54
N ALA C 30 -6.93 23.25 -0.79
CA ALA C 30 -7.82 22.17 -0.41
C ALA C 30 -7.48 20.89 -1.14
N LEU C 31 -7.19 21.01 -2.44
CA LEU C 31 -6.95 19.83 -3.23
C LEU C 31 -5.61 19.23 -2.80
N GLN C 32 -4.66 20.10 -2.49
CA GLN C 32 -3.36 19.75 -1.93
C GLN C 32 -3.50 18.93 -0.64
N GLN C 33 -4.37 19.40 0.25
CA GLN C 33 -4.64 18.69 1.50
C GLN C 33 -5.23 17.31 1.28
N LEU C 34 -6.11 17.18 0.31
CA LEU C 34 -6.70 15.89 -0.02
C LEU C 34 -5.67 14.96 -0.67
N ARG C 35 -4.82 15.54 -1.51
CA ARG C 35 -3.72 14.83 -2.17
C ARG C 35 -2.75 14.28 -1.13
N VAL C 36 -2.24 15.15 -0.27
CA VAL C 36 -1.24 14.79 0.72
C VAL C 36 -1.82 13.84 1.76
N ASN C 37 -3.11 13.99 2.02
CA ASN C 37 -3.79 13.12 2.95
C ASN C 37 -3.99 11.73 2.38
N TYR C 38 -4.20 11.64 1.06
CA TYR C 38 -4.37 10.34 0.45
C TYR C 38 -3.09 9.50 0.58
N GLY C 39 -1.94 10.13 0.34
CA GLY C 39 -0.63 9.47 0.46
C GLY C 39 -0.30 9.14 1.91
N SER C 40 -0.76 9.97 2.83
CA SER C 40 -0.60 9.74 4.26
C SER C 40 -1.39 8.50 4.69
N PHE C 41 -2.59 8.34 4.13
CA PHE C 41 -3.43 7.23 4.46
C PHE C 41 -2.82 5.94 3.90
N VAL C 42 -2.32 5.99 2.66
CA VAL C 42 -1.64 4.84 2.07
C VAL C 42 -0.44 4.46 2.92
N SER C 43 0.31 5.45 3.40
CA SER C 43 1.48 5.19 4.21
C SER C 43 1.15 4.58 5.58
N GLU C 44 0.06 5.05 6.20
CA GLU C 44 -0.37 4.49 7.49
C GLU C 44 -0.79 3.04 7.36
N TYR C 45 -1.51 2.74 6.28
CA TYR C 45 -1.93 1.39 5.98
C TYR C 45 -0.69 0.52 5.74
N ASN C 46 0.30 1.08 5.05
CA ASN C 46 1.56 0.36 4.88
C ASN C 46 2.25 0.12 6.21
N ASP C 47 2.24 1.09 7.12
CA ASP C 47 2.91 0.96 8.41
C ASP C 47 2.34 -0.22 9.18
N LEU C 48 1.01 -0.33 9.14
CA LEU C 48 0.32 -1.41 9.81
C LEU C 48 0.56 -2.76 9.12
N THR C 49 0.55 -2.78 7.79
CA THR C 49 0.84 -3.99 7.01
C THR C 49 2.23 -4.55 7.35
N LYS C 50 3.20 -3.66 7.45
CA LYS C 50 4.55 -4.04 7.75
C LYS C 50 4.61 -4.74 9.11
N ASP C 51 3.91 -4.19 10.10
CA ASP C 51 3.94 -4.81 11.41
C ASP C 51 3.09 -6.06 11.52
N TYR C 52 2.04 -6.12 10.73
CA TYR C 52 1.16 -7.27 10.65
C TYR C 52 1.90 -8.46 10.02
N THR C 53 2.79 -8.13 9.09
CA THR C 53 3.61 -9.09 8.37
C THR C 53 4.65 -9.66 9.34
N ARG C 54 5.34 -8.77 10.05
CA ARG C 54 6.33 -9.13 11.01
C ARG C 54 5.74 -10.06 12.11
N VAL C 55 4.61 -9.65 12.68
CA VAL C 55 3.94 -10.47 13.70
C VAL C 55 3.45 -11.82 13.16
N ASN C 56 2.90 -11.85 11.95
CA ASN C 56 2.48 -13.12 11.36
C ASN C 56 3.65 -14.05 11.07
N ASP C 57 4.83 -13.47 10.93
CA ASP C 57 6.02 -14.21 10.65
C ASP C 57 6.62 -14.77 11.95
N ASP C 58 6.59 -13.99 13.03
CA ASP C 58 6.95 -14.47 14.36
C ASP C 58 6.08 -15.66 14.73
N VAL C 59 4.79 -15.53 14.51
CA VAL C 59 3.81 -16.52 14.91
C VAL C 59 3.87 -17.80 14.08
N ALA C 60 4.20 -17.68 12.79
CA ALA C 60 4.38 -18.84 11.92
C ALA C 60 5.67 -19.59 12.27
N ALA C 61 6.71 -18.84 12.58
CA ALA C 61 7.99 -19.37 12.97
C ALA C 61 7.91 -20.07 14.35
N GLN C 62 7.09 -19.53 15.25
CA GLN C 62 6.87 -20.11 16.57
C GLN C 62 5.97 -21.34 16.45
N GLN C 63 5.05 -21.31 15.50
CA GLN C 63 4.18 -22.44 15.22
C GLN C 63 4.99 -23.64 14.71
N ALA C 64 5.98 -23.36 13.87
CA ALA C 64 6.86 -24.38 13.30
C ALA C 64 7.92 -24.85 14.29
N THR C 65 8.34 -23.96 15.19
CA THR C 65 9.23 -24.34 16.29
C THR C 65 8.50 -25.30 17.24
N ASN C 66 7.25 -24.98 17.54
CA ASN C 66 6.40 -25.87 18.34
C ASN C 66 6.13 -27.22 17.68
N ALA C 67 5.83 -27.21 16.38
CA ALA C 67 5.54 -28.43 15.62
C ALA C 67 6.74 -29.39 15.59
N LYS C 68 7.94 -28.81 15.48
CA LYS C 68 9.20 -29.53 15.54
C LYS C 68 9.44 -30.14 16.91
N LEU C 69 9.15 -29.38 17.98
CA LEU C 69 9.36 -29.85 19.34
C LEU C 69 8.33 -30.92 19.70
N LYS C 70 7.10 -30.75 19.23
CA LYS C 70 6.05 -31.74 19.36
C LYS C 70 6.46 -33.07 18.72
N ALA C 71 7.13 -32.98 17.56
CA ALA C 71 7.60 -34.15 16.83
C ALA C 71 8.78 -34.82 17.54
N ARG C 72 9.66 -34.04 18.15
CA ARG C 72 10.70 -34.59 19.01
C ARG C 72 10.10 -35.34 20.20
N ASN C 73 9.09 -34.75 20.84
CA ASN C 73 8.38 -35.40 21.94
C ASN C 73 7.72 -36.72 21.52
N ASP C 74 7.13 -36.73 20.32
CA ASP C 74 6.50 -37.94 19.79
C ASP C 74 7.53 -39.04 19.53
N GLN C 75 8.77 -38.64 19.25
CA GLN C 75 9.86 -39.55 19.02
C GLN C 75 10.44 -40.09 20.31
N LEU C 76 10.48 -39.24 21.35
CA LEU C 76 10.88 -39.68 22.68
C LEU C 76 9.87 -40.71 23.20
N PHE C 77 8.59 -40.43 23.00
CA PHE C 77 7.53 -41.33 23.38
C PHE C 77 7.69 -42.71 22.74
N ALA C 78 7.96 -42.72 21.44
CA ALA C 78 8.08 -43.96 20.67
C ALA C 78 9.31 -44.76 21.07
N GLU C 79 10.37 -44.05 21.46
CA GLU C 79 11.57 -44.66 22.00
C GLU C 79 11.28 -45.38 23.32
N ILE C 80 10.60 -44.68 24.22
CA ILE C 80 10.21 -45.25 25.51
C ILE C 80 9.34 -46.50 25.34
N ASP C 81 8.42 -46.46 24.37
CA ASP C 81 7.53 -47.57 24.09
C ASP C 81 8.17 -48.74 23.33
N ASP C 82 9.44 -48.61 22.96
CA ASP C 82 10.11 -49.67 22.20
C ASP C 82 11.42 -50.14 22.84
N LEU C 83 11.28 -50.82 23.97
CA LEU C 83 12.38 -51.57 24.56
C LEU C 83 12.02 -53.06 24.36
N ASN C 84 11.21 -53.28 23.33
CA ASN C 84 10.53 -54.55 23.06
C ASN C 84 11.46 -55.60 22.46
N GLY D 3 -12.72 -1.92 -3.91
CA GLY D 3 -12.23 -1.25 -2.66
C GLY D 3 -11.89 0.23 -2.88
N PRO D 4 -10.98 0.77 -2.05
CA PRO D 4 -10.62 2.20 -2.15
C PRO D 4 -9.89 2.55 -3.45
N LEU D 5 -10.11 3.78 -3.92
CA LEU D 5 -9.49 4.29 -5.13
C LEU D 5 -7.97 4.17 -5.12
N LYS D 6 -7.41 3.81 -6.26
CA LYS D 6 -5.96 3.84 -6.46
C LYS D 6 -5.52 5.29 -6.45
N PRO D 7 -4.25 5.55 -6.16
CA PRO D 7 -3.84 6.94 -6.00
C PRO D 7 -4.01 7.75 -7.30
N GLU D 8 -3.87 7.09 -8.45
CA GLU D 8 -4.03 7.81 -9.70
C GLU D 8 -5.50 8.08 -9.99
N GLU D 9 -6.38 7.23 -9.47
CA GLU D 9 -7.83 7.46 -9.59
C GLU D 9 -8.26 8.62 -8.71
N HIS D 10 -7.69 8.70 -7.52
CA HIS D 10 -7.98 9.80 -6.62
C HIS D 10 -7.48 11.11 -7.21
N GLU D 11 -6.25 11.10 -7.71
CA GLU D 11 -5.66 12.28 -8.33
C GLU D 11 -6.49 12.78 -9.51
N ASP D 12 -7.03 11.85 -10.27
CA ASP D 12 -7.91 12.19 -11.38
C ASP D 12 -9.14 12.97 -10.94
N ILE D 13 -9.72 12.60 -9.79
CA ILE D 13 -10.90 13.29 -9.27
C ILE D 13 -10.52 14.69 -8.87
N LEU D 14 -9.33 14.84 -8.29
CA LEU D 14 -8.86 16.15 -7.87
C LEU D 14 -8.58 17.05 -9.07
N ASN D 15 -8.22 16.44 -10.19
CA ASN D 15 -7.99 17.20 -11.42
C ASN D 15 -9.31 17.70 -11.97
N LYS D 16 -10.31 16.82 -12.05
CA LYS D 16 -11.65 17.20 -12.48
C LYS D 16 -12.20 18.40 -11.69
N LEU D 17 -11.88 18.44 -10.39
CA LEU D 17 -12.40 19.48 -9.49
C LEU D 17 -11.68 20.81 -9.68
N LEU D 18 -10.67 20.81 -10.53
CA LEU D 18 -9.91 22.02 -10.83
C LEU D 18 -10.28 22.58 -12.21
N ASP D 19 -11.15 21.87 -12.91
CA ASP D 19 -11.69 22.30 -14.19
C ASP D 19 -12.72 23.41 -13.96
N PRO D 20 -12.43 24.63 -14.49
CA PRO D 20 -13.32 25.80 -14.32
C PRO D 20 -14.68 25.60 -14.98
N GLU D 21 -14.74 24.72 -15.98
CA GLU D 21 -15.97 24.43 -16.71
C GLU D 21 -16.74 23.21 -16.20
N LEU D 22 -16.45 22.80 -14.96
CA LEU D 22 -17.06 21.61 -14.39
C LEU D 22 -18.54 21.82 -14.12
N ALA D 23 -19.38 20.93 -14.64
CA ALA D 23 -20.82 20.99 -14.41
C ALA D 23 -21.18 20.64 -12.96
N GLN D 24 -22.27 21.22 -12.47
CA GLN D 24 -22.72 21.05 -11.10
C GLN D 24 -22.91 19.58 -10.70
N SER D 25 -23.50 18.78 -11.60
CA SER D 25 -23.77 17.38 -11.30
C SER D 25 -22.49 16.54 -11.30
N GLU D 26 -21.43 17.09 -11.90
CA GLU D 26 -20.15 16.40 -11.95
C GLU D 26 -19.29 16.72 -10.74
N ARG D 27 -19.35 17.97 -10.26
CA ARG D 27 -18.74 18.35 -9.00
C ARG D 27 -19.32 17.47 -7.88
N THR D 28 -20.65 17.42 -7.84
CA THR D 28 -21.41 16.59 -6.92
C THR D 28 -21.00 15.13 -6.97
N GLU D 29 -20.88 14.58 -8.17
CA GLU D 29 -20.48 13.18 -8.31
C GLU D 29 -19.05 12.94 -7.80
N ALA D 30 -18.17 13.90 -8.09
CA ALA D 30 -16.77 13.82 -7.73
C ALA D 30 -16.60 13.88 -6.21
N LEU D 31 -17.29 14.82 -5.56
CA LEU D 31 -17.20 14.97 -4.11
C LEU D 31 -17.77 13.73 -3.45
N GLN D 32 -18.86 13.20 -4.00
CA GLN D 32 -19.44 11.95 -3.52
C GLN D 32 -18.43 10.80 -3.57
N GLN D 33 -17.70 10.70 -4.68
CA GLN D 33 -16.67 9.67 -4.81
C GLN D 33 -15.60 9.80 -3.73
N LEU D 34 -15.12 11.02 -3.49
CA LEU D 34 -14.13 11.23 -2.41
C LEU D 34 -14.67 10.87 -1.02
N ARG D 35 -15.93 11.26 -0.74
CA ARG D 35 -16.65 10.97 0.52
C ARG D 35 -16.72 9.47 0.79
N VAL D 36 -17.29 8.73 -0.15
CA VAL D 36 -17.45 7.30 -0.06
C VAL D 36 -16.10 6.59 0.01
N ASN D 37 -15.11 7.10 -0.72
CA ASN D 37 -13.80 6.48 -0.73
C ASN D 37 -13.12 6.64 0.62
N TYR D 38 -13.29 7.81 1.22
CA TYR D 38 -12.75 8.07 2.52
C TYR D 38 -13.28 7.06 3.56
N GLY D 39 -14.57 6.79 3.50
CA GLY D 39 -15.21 5.84 4.43
C GLY D 39 -14.71 4.41 4.21
N SER D 40 -14.54 4.07 2.93
CA SER D 40 -14.00 2.78 2.50
C SER D 40 -12.58 2.55 3.01
N PHE D 41 -11.77 3.60 2.98
CA PHE D 41 -10.38 3.47 3.41
C PHE D 41 -10.34 3.22 4.93
N VAL D 42 -11.18 3.94 5.67
CA VAL D 42 -11.23 3.79 7.12
C VAL D 42 -11.63 2.37 7.47
N SER D 43 -12.54 1.83 6.68
CA SER D 43 -13.05 0.49 6.87
C SER D 43 -12.01 -0.60 6.56
N GLU D 44 -11.29 -0.44 5.46
CA GLU D 44 -10.18 -1.39 5.14
C GLU D 44 -9.15 -1.38 6.23
N TYR D 45 -8.82 -0.18 6.70
CA TYR D 45 -7.85 -0.06 7.78
C TYR D 45 -8.40 -0.75 9.02
N ASN D 46 -9.70 -0.58 9.27
CA ASN D 46 -10.31 -1.30 10.38
C ASN D 46 -10.26 -2.81 10.19
N ASP D 47 -10.52 -3.29 8.98
CA ASP D 47 -10.41 -4.72 8.67
C ASP D 47 -9.03 -5.24 8.98
N LEU D 48 -8.00 -4.47 8.63
CA LEU D 48 -6.65 -4.89 8.93
C LEU D 48 -6.34 -4.83 10.44
N THR D 49 -6.82 -3.78 11.09
CA THR D 49 -6.66 -3.61 12.54
C THR D 49 -7.22 -4.79 13.33
N LYS D 50 -8.39 -5.26 12.91
CA LYS D 50 -9.08 -6.33 13.56
C LYS D 50 -8.26 -7.62 13.47
N ASP D 51 -7.71 -7.91 12.29
CA ASP D 51 -6.90 -9.12 12.16
C ASP D 51 -5.56 -9.02 12.84
N TYR D 52 -5.02 -7.81 12.90
CA TYR D 52 -3.77 -7.57 13.58
C TYR D 52 -3.95 -7.82 15.08
N THR D 53 -5.14 -7.44 15.60
CA THR D 53 -5.43 -7.59 17.01
C THR D 53 -5.52 -9.07 17.35
N ARG D 54 -6.29 -9.80 16.56
CA ARG D 54 -6.46 -11.24 16.68
C ARG D 54 -5.11 -11.97 16.75
N VAL D 55 -4.28 -11.72 15.75
CA VAL D 55 -2.99 -12.38 15.63
C VAL D 55 -2.03 -12.00 16.76
N ASN D 56 -2.09 -10.77 17.23
CA ASN D 56 -1.26 -10.38 18.37
C ASN D 56 -1.72 -11.02 19.68
N ASP D 57 -2.98 -11.41 19.75
CA ASP D 57 -3.58 -11.94 20.96
C ASP D 57 -3.38 -13.45 21.04
N ASP D 58 -2.84 -14.03 19.96
CA ASP D 58 -2.52 -15.44 19.90
C ASP D 58 -1.07 -15.71 20.27
N VAL D 59 -0.23 -14.67 20.24
CA VAL D 59 1.18 -14.79 20.61
C VAL D 59 1.37 -15.41 22.00
N ALA D 60 0.48 -15.10 22.95
CA ALA D 60 0.62 -15.58 24.32
C ALA D 60 0.40 -17.09 24.44
N ALA D 61 -0.72 -17.58 23.93
CA ALA D 61 -1.07 -19.01 24.01
C ALA D 61 -0.15 -19.88 23.16
N GLN D 62 0.65 -19.25 22.31
CA GLN D 62 1.68 -19.94 21.57
C GLN D 62 2.96 -20.10 22.35
N GLN D 63 3.31 -19.10 23.15
CA GLN D 63 4.44 -19.21 24.06
C GLN D 63 4.09 -20.20 25.18
N ALA D 64 2.79 -20.28 25.48
CA ALA D 64 2.28 -21.18 26.50
C ALA D 64 2.35 -22.62 26.02
N THR D 65 1.96 -22.83 24.76
CA THR D 65 2.12 -24.12 24.09
C THR D 65 3.60 -24.52 24.05
N ASN D 66 4.48 -23.56 23.76
CA ASN D 66 5.90 -23.81 23.77
C ASN D 66 6.45 -24.27 25.12
N ALA D 67 6.07 -23.59 26.21
CA ALA D 67 6.56 -23.93 27.54
C ALA D 67 6.06 -25.32 27.97
N LYS D 68 4.82 -25.60 27.62
CA LYS D 68 4.14 -26.88 27.81
C LYS D 68 4.83 -28.01 27.02
N LEU D 69 5.28 -27.71 25.80
CA LEU D 69 5.96 -28.70 24.97
C LEU D 69 7.37 -28.97 25.48
N LYS D 70 8.04 -27.91 25.94
CA LYS D 70 9.35 -28.04 26.58
C LYS D 70 9.23 -28.80 27.90
N ALA D 71 8.08 -28.66 28.57
CA ALA D 71 7.80 -29.38 29.81
C ALA D 71 7.74 -30.88 29.55
N ARG D 72 6.93 -31.30 28.56
CA ARG D 72 6.82 -32.71 28.22
C ARG D 72 8.14 -33.24 27.69
N ASN D 73 8.94 -32.37 27.06
CA ASN D 73 10.25 -32.78 26.56
C ASN D 73 11.16 -33.19 27.70
N ASP D 74 11.27 -32.34 28.72
CA ASP D 74 12.09 -32.62 29.91
C ASP D 74 11.59 -33.84 30.69
N GLN D 75 10.27 -33.99 30.75
CA GLN D 75 9.61 -35.11 31.41
C GLN D 75 9.93 -36.43 30.69
N LEU D 76 9.79 -36.44 29.37
CA LEU D 76 10.08 -37.63 28.57
C LEU D 76 11.55 -37.98 28.63
N PHE D 77 12.40 -36.95 28.65
CA PHE D 77 13.83 -37.12 28.81
C PHE D 77 14.17 -37.67 30.21
N ALA D 78 13.35 -37.32 31.19
CA ALA D 78 13.54 -37.83 32.55
C ALA D 78 13.10 -39.29 32.67
N GLU D 79 11.97 -39.65 32.04
CA GLU D 79 11.54 -41.04 31.94
C GLU D 79 12.61 -41.93 31.30
N ILE D 80 13.21 -41.45 30.20
CA ILE D 80 14.31 -42.12 29.52
C ILE D 80 15.50 -42.29 30.48
N ASP D 81 15.79 -41.24 31.23
CA ASP D 81 16.88 -41.25 32.20
C ASP D 81 16.60 -42.17 33.40
N ASP D 82 15.31 -42.39 33.69
CA ASP D 82 14.89 -43.25 34.80
C ASP D 82 15.10 -44.74 34.55
N LEU D 83 15.38 -45.10 33.30
CA LEU D 83 15.58 -46.49 32.90
C LEU D 83 16.91 -47.08 33.37
C1 GOL E . -3.13 -2.73 -0.90
O1 GOL E . -3.07 -4.10 -0.53
C2 GOL E . -3.16 -2.57 -2.42
O2 GOL E . -2.57 -3.70 -3.06
C3 GOL E . -2.37 -1.35 -2.83
O3 GOL E . -1.07 -1.45 -2.31
C1 GOL F . -5.35 1.84 -1.96
O1 GOL F . -4.33 2.29 -2.83
C2 GOL F . -4.89 0.63 -1.17
O2 GOL F . -5.97 0.01 -0.50
C3 GOL F . -3.83 1.04 -0.15
O3 GOL F . -3.76 0.05 0.85
C1 GOL G . -7.28 5.19 14.13
O1 GOL G . -6.21 4.74 14.95
C2 GOL G . -8.32 5.89 14.99
O2 GOL G . -9.59 5.72 14.42
C3 GOL G . -8.01 7.38 15.12
O3 GOL G . -8.11 8.00 13.86
#